data_2BVX
#
_entry.id   2BVX
#
_cell.length_a   71.004
_cell.length_b   71.711
_cell.length_c   72.646
_cell.angle_alpha   90.00
_cell.angle_beta   100.75
_cell.angle_gamma   90.00
#
_symmetry.space_group_name_H-M   'C 1 2 1'
#
loop_
_entity.id
_entity.type
_entity.pdbx_description
1 polymer 'ALPHA THROMBIN'
2 polymer 'HIRUDIN VARIANT-2'
3 polymer 'ALPHA THROMBIN'
4 non-polymer N-(5-CHLORO-BENZO[B]THIOPHEN-3-YLMETHYL)-2-[6-CHLORO-OXO-3-(2-PYRIDIN-2-YL-ETHYLAMINO)-2H-PYRAZIN-1-YL]-ACETAMIDE
5 water water
#
loop_
_entity_poly.entity_id
_entity_poly.type
_entity_poly.pdbx_seq_one_letter_code
_entity_poly.pdbx_strand_id
1 'polypeptide(L)'
;IVEGSDAEIGMSPWQVMLFRKSPQELLCGASLISDRWVLTAAHCLLYPPWDKNFTENDLLVRIGKHSRTRYERNIEKISM
LEKIYIHPRYNWRENLDRDIALMKLKKPVAFSDYIHPVCLPDRETAASLLQAGYKGRVTGWGNLKETWTANVGKGQPSVL
QVVNLPIVERPVCKDSTRIRITDNMFCAGYKPDEGKRGDACEGDSGGPFVMKSPFNNRWYQMGIVSWGEGCDRDGKYGFY
THVFRLKKWIQKVIDQFGE
;
H
2 'polypeptide(L)' GDFEEIPEE(TYS)L I
3 'polypeptide(L)' TFGSGEADCGLRPLFEKKSLEDKTERELLESYIDGR L
#
# COMPACT_ATOMS: atom_id res chain seq x y z
N ILE A 1 -2.27 -10.34 -3.00
CA ILE A 1 -3.71 -10.10 -3.28
C ILE A 1 -4.43 -11.43 -3.54
N VAL A 2 -5.62 -11.60 -2.96
CA VAL A 2 -6.39 -12.83 -3.13
C VAL A 2 -7.76 -12.58 -3.76
N GLU A 3 -8.04 -13.33 -4.83
CA GLU A 3 -9.30 -13.21 -5.56
C GLU A 3 -9.48 -11.85 -6.21
N GLY A 4 -8.37 -11.13 -6.38
CA GLY A 4 -8.42 -9.82 -6.98
C GLY A 4 -8.58 -9.90 -8.49
N SER A 5 -7.72 -9.20 -9.22
CA SER A 5 -7.77 -9.21 -10.68
C SER A 5 -6.73 -8.29 -11.30
N ASP A 6 -5.98 -8.82 -12.27
CA ASP A 6 -4.94 -8.07 -12.96
C ASP A 6 -5.32 -6.60 -13.15
N ALA A 7 -4.41 -5.71 -12.76
CA ALA A 7 -4.65 -4.27 -12.88
C ALA A 7 -4.48 -3.77 -14.30
N GLU A 8 -4.98 -2.57 -14.57
CA GLU A 8 -4.85 -1.98 -15.89
C GLU A 8 -3.58 -1.14 -15.88
N ILE A 9 -2.92 -1.02 -17.03
CA ILE A 9 -1.70 -0.23 -17.12
C ILE A 9 -1.95 1.21 -16.65
N GLY A 10 -1.14 1.67 -15.73
CA GLY A 10 -1.29 3.04 -15.22
C GLY A 10 -2.46 3.22 -14.28
N MET A 11 -2.83 2.16 -13.57
CA MET A 11 -3.94 2.21 -12.63
C MET A 11 -3.45 2.66 -11.25
N SER A 12 -2.19 2.36 -10.96
CA SER A 12 -1.58 2.74 -9.67
C SER A 12 -0.19 3.31 -9.90
N PRO A 13 -0.11 4.52 -10.49
CA PRO A 13 1.17 5.17 -10.75
C PRO A 13 1.94 5.47 -9.48
N TRP A 14 1.33 5.22 -8.33
CA TRP A 14 1.98 5.48 -7.06
C TRP A 14 2.50 4.22 -6.37
N GLN A 15 2.23 3.07 -6.97
CA GLN A 15 2.69 1.80 -6.41
C GLN A 15 4.20 1.80 -6.40
N VAL A 16 4.77 1.35 -5.30
CA VAL A 16 6.21 1.30 -5.14
C VAL A 16 6.60 -0.09 -4.67
N MET A 17 7.67 -0.64 -5.25
CA MET A 17 8.13 -1.97 -4.87
C MET A 17 9.36 -1.90 -4.00
N LEU A 18 9.32 -2.61 -2.88
CA LEU A 18 10.43 -2.63 -1.95
C LEU A 18 11.33 -3.82 -2.25
N PHE A 19 12.19 -3.65 -3.26
CA PHE A 19 13.11 -4.70 -3.69
C PHE A 19 14.37 -4.80 -2.83
N ARG A 20 14.76 -6.01 -2.48
CA ARG A 20 15.96 -6.21 -1.66
C ARG A 20 17.18 -6.47 -2.56
N LYS A 21 18.21 -5.65 -2.40
CA LYS A 21 19.43 -5.76 -3.20
C LYS A 21 19.92 -7.21 -3.33
N SER A 22 20.28 -7.82 -2.21
CA SER A 22 20.76 -9.20 -2.22
C SER A 22 20.37 -10.00 -0.97
N PRO A 23 19.69 -11.14 -1.17
CA PRO A 23 19.31 -11.64 -2.49
C PRO A 23 18.10 -10.91 -3.09
N GLN A 24 18.23 -10.47 -4.33
CA GLN A 24 17.18 -9.77 -5.03
C GLN A 24 15.84 -10.47 -4.90
N GLU A 25 14.86 -9.79 -4.34
CA GLU A 25 13.54 -10.38 -4.17
C GLU A 25 12.53 -9.34 -3.68
N LEU A 26 11.25 -9.70 -3.70
CA LEU A 26 10.21 -8.80 -3.26
C LEU A 26 10.25 -8.70 -1.75
N LEU A 27 9.68 -7.63 -1.20
CA LEU A 27 9.68 -7.44 0.25
C LEU A 27 8.38 -6.81 0.70
N CYS A 28 8.04 -5.65 0.14
CA CYS A 28 6.82 -4.95 0.49
C CYS A 28 6.41 -3.94 -0.58
N GLY A 29 5.14 -3.56 -0.55
CA GLY A 29 4.64 -2.58 -1.48
C GLY A 29 4.84 -1.24 -0.80
N ALA A 30 4.54 -0.16 -1.50
CA ALA A 30 4.68 1.18 -0.93
C ALA A 30 4.08 2.21 -1.88
N SER A 31 3.73 3.38 -1.36
CA SER A 31 3.14 4.42 -2.19
C SER A 31 4.06 5.63 -2.27
N LEU A 32 3.90 6.41 -3.33
CA LEU A 32 4.71 7.60 -3.51
C LEU A 32 3.89 8.80 -3.05
N ILE A 33 4.22 9.31 -1.87
CA ILE A 33 3.51 10.45 -1.30
C ILE A 33 3.97 11.77 -1.92
N SER A 34 5.28 11.89 -2.10
CA SER A 34 5.86 13.10 -2.67
C SER A 34 6.81 12.68 -3.78
N ASP A 35 7.60 13.63 -4.26
CA ASP A 35 8.54 13.36 -5.33
C ASP A 35 9.88 12.87 -4.78
N ARG A 36 9.99 12.88 -3.46
CA ARG A 36 11.22 12.43 -2.80
C ARG A 36 10.89 11.82 -1.44
N TRP A 37 9.72 11.18 -1.36
CA TRP A 37 9.29 10.54 -0.13
C TRP A 37 8.38 9.34 -0.38
N VAL A 38 8.78 8.18 0.13
CA VAL A 38 8.01 6.95 -0.02
C VAL A 38 7.40 6.57 1.33
N LEU A 39 6.23 5.94 1.30
CA LEU A 39 5.53 5.51 2.52
C LEU A 39 5.21 4.04 2.48
N THR A 40 5.71 3.29 3.47
CA THR A 40 5.48 1.86 3.53
C THR A 40 5.28 1.37 4.97
N ALA A 41 4.82 0.14 5.11
CA ALA A 41 4.60 -0.47 6.42
C ALA A 41 5.92 -0.62 7.15
N ALA A 42 5.95 -0.17 8.40
CA ALA A 42 7.14 -0.22 9.24
C ALA A 42 7.76 -1.61 9.43
N HIS A 43 6.94 -2.61 9.69
CA HIS A 43 7.46 -3.96 9.89
C HIS A 43 8.05 -4.55 8.61
N CYS A 44 8.46 -3.66 7.70
CA CYS A 44 9.05 -4.08 6.44
C CYS A 44 10.54 -3.78 6.49
N LEU A 45 10.96 -3.14 7.56
CA LEU A 45 12.36 -2.77 7.73
C LEU A 45 12.80 -3.14 9.13
N LEU A 46 11.84 -3.15 10.05
CA LEU A 46 12.13 -3.47 11.44
C LEU A 46 11.14 -4.44 12.08
N TYR A 47 11.63 -5.62 12.41
CA TYR A 47 10.82 -6.64 13.06
C TYR A 47 11.77 -7.66 13.71
N PRO A 48 12.27 -7.33 14.91
CA PRO A 48 13.19 -8.13 15.72
C PRO A 48 12.90 -9.62 15.76
N PRO A 49 11.66 -10.01 16.07
CA PRO A 49 11.29 -11.43 16.14
C PRO A 49 11.86 -12.28 15.00
N TRP A 50 11.99 -11.70 13.81
CA TRP A 50 12.54 -12.42 12.67
C TRP A 50 13.93 -11.95 12.26
N ASP A 51 14.58 -11.18 13.13
CA ASP A 51 15.90 -10.67 12.83
C ASP A 51 15.84 -9.85 11.55
N LYS A 52 14.74 -9.14 11.38
CA LYS A 52 14.55 -8.30 10.21
C LYS A 52 14.75 -6.85 10.62
N ASN A 53 15.96 -6.33 10.36
CA ASN A 53 16.31 -4.96 10.70
C ASN A 53 17.07 -4.30 9.55
N PHE A 54 16.49 -4.35 8.36
CA PHE A 54 17.08 -3.77 7.16
C PHE A 54 17.49 -2.33 7.37
N THR A 55 18.57 -1.93 6.71
CA THR A 55 19.05 -0.56 6.79
C THR A 55 18.87 0.07 5.42
N GLU A 56 19.12 1.38 5.33
CA GLU A 56 18.95 2.07 4.07
C GLU A 56 19.70 1.38 2.91
N ASN A 57 20.99 1.21 3.07
CA ASN A 57 21.83 0.61 2.04
C ASN A 57 21.54 -0.87 1.75
N ASP A 58 20.38 -1.35 2.20
CA ASP A 58 20.02 -2.75 1.98
C ASP A 58 18.92 -2.97 0.96
N LEU A 59 18.18 -1.92 0.64
CA LEU A 59 17.07 -2.07 -0.31
C LEU A 59 17.09 -1.06 -1.46
N LEU A 60 16.15 -1.26 -2.38
CA LEU A 60 15.98 -0.40 -3.56
C LEU A 60 14.50 -0.18 -3.83
N VAL A 61 14.14 1.05 -4.16
CA VAL A 61 12.76 1.40 -4.47
C VAL A 61 12.56 1.31 -5.98
N ARG A 62 11.39 0.86 -6.41
CA ARG A 62 11.09 0.73 -7.84
C ARG A 62 9.71 1.23 -8.23
N ILE A 63 9.65 2.43 -8.80
CA ILE A 63 8.38 3.03 -9.21
C ILE A 63 8.08 2.85 -10.70
N GLY A 64 6.81 2.73 -11.04
CA GLY A 64 6.40 2.58 -12.42
C GLY A 64 6.36 1.16 -12.95
N LYS A 65 6.12 0.21 -12.06
CA LYS A 65 6.07 -1.19 -12.47
C LYS A 65 4.66 -1.71 -12.59
N HIS A 66 4.54 -2.85 -13.28
CA HIS A 66 3.28 -3.53 -13.51
C HIS A 66 3.58 -5.01 -13.52
N SER A 67 4.76 -5.35 -14.05
CA SER A 67 5.20 -6.74 -14.11
C SER A 67 6.03 -6.97 -12.84
N ARG A 68 5.84 -8.12 -12.21
CA ARG A 68 6.54 -8.44 -10.96
C ARG A 68 7.96 -8.98 -11.08
N THR A 69 8.30 -9.58 -12.21
CA THR A 69 9.64 -10.14 -12.35
C THR A 69 10.60 -9.43 -13.31
N ARG A 70 10.08 -8.97 -14.44
CA ARG A 70 10.91 -8.30 -15.44
C ARG A 70 11.22 -6.85 -15.09
N TYR A 71 12.42 -6.40 -15.43
CA TYR A 71 12.83 -5.03 -15.18
C TYR A 71 12.23 -4.15 -16.27
N GLU A 72 10.92 -3.93 -16.17
CA GLU A 72 10.19 -3.11 -17.13
C GLU A 72 10.99 -1.86 -17.49
N ARG A 73 11.81 -1.97 -18.53
CA ARG A 73 12.67 -0.90 -19.00
C ARG A 73 11.94 0.30 -19.60
N ASN A 74 12.58 1.47 -19.47
CA ASN A 74 12.05 2.73 -19.98
C ASN A 74 10.85 3.20 -19.18
N ILE A 75 10.17 2.27 -18.53
CA ILE A 75 9.01 2.59 -17.73
C ILE A 75 9.32 2.75 -16.25
N GLU A 76 9.75 1.67 -15.60
CA GLU A 76 10.05 1.73 -14.18
C GLU A 76 11.34 2.46 -13.86
N LYS A 77 11.51 2.83 -12.59
CA LYS A 77 12.69 3.52 -12.11
C LYS A 77 13.14 2.94 -10.77
N ILE A 78 14.45 2.91 -10.55
CA ILE A 78 15.01 2.38 -9.32
C ILE A 78 15.82 3.42 -8.58
N SER A 79 15.27 3.98 -7.51
CA SER A 79 15.97 4.99 -6.72
C SER A 79 16.43 4.40 -5.39
N MET A 80 17.68 4.68 -5.01
CA MET A 80 18.24 4.19 -3.76
C MET A 80 17.69 5.01 -2.60
N LEU A 81 17.77 4.46 -1.40
CA LEU A 81 17.27 5.15 -0.20
C LEU A 81 18.35 6.04 0.41
N GLU A 82 17.94 7.13 1.04
CA GLU A 82 18.90 8.03 1.67
C GLU A 82 18.71 8.09 3.18
N LYS A 83 17.60 7.54 3.65
CA LYS A 83 17.33 7.52 5.09
C LYS A 83 15.94 6.95 5.41
N ILE A 84 15.92 6.00 6.33
CA ILE A 84 14.67 5.36 6.74
C ILE A 84 14.17 5.94 8.06
N TYR A 85 12.99 6.55 8.03
CA TYR A 85 12.42 7.13 9.23
C TYR A 85 11.24 6.32 9.74
N ILE A 86 11.43 5.63 10.86
CA ILE A 86 10.38 4.82 11.45
C ILE A 86 9.78 5.51 12.66
N HIS A 87 8.50 5.28 12.91
CA HIS A 87 7.84 5.90 14.05
C HIS A 87 8.50 5.41 15.34
N PRO A 88 9.03 6.34 16.15
CA PRO A 88 9.69 6.03 17.41
C PRO A 88 8.86 5.19 18.36
N ARG A 89 7.56 5.16 18.16
CA ARG A 89 6.70 4.38 19.03
C ARG A 89 5.96 3.27 18.26
N TYR A 90 6.72 2.56 17.43
CA TYR A 90 6.21 1.46 16.62
C TYR A 90 6.32 0.19 17.45
N ASN A 91 5.19 -0.25 18.00
CA ASN A 91 5.17 -1.43 18.84
C ASN A 91 5.17 -2.76 18.09
N TRP A 92 6.36 -3.23 17.75
CA TRP A 92 6.53 -4.49 17.05
C TRP A 92 6.50 -5.65 18.02
N ARG A 93 6.48 -5.34 19.31
CA ARG A 93 6.47 -6.36 20.34
C ARG A 93 5.09 -6.91 20.64
N GLU A 94 4.09 -6.04 20.68
CA GLU A 94 2.74 -6.46 21.03
C GLU A 94 1.76 -6.65 19.88
N ASN A 95 1.47 -5.59 19.13
CA ASN A 95 0.50 -5.69 18.04
C ASN A 95 0.77 -4.83 16.81
N LEU A 96 2.04 -4.54 16.54
CA LEU A 96 2.39 -3.72 15.38
C LEU A 96 1.60 -2.43 15.34
N ASP A 97 1.58 -1.69 16.44
CA ASP A 97 0.86 -0.43 16.50
C ASP A 97 1.75 0.69 15.98
N ARG A 98 1.15 1.61 15.24
CA ARG A 98 1.89 2.73 14.65
C ARG A 98 2.90 2.17 13.65
N ASP A 99 2.50 1.11 12.96
CA ASP A 99 3.33 0.44 11.97
C ASP A 99 3.47 1.25 10.68
N ILE A 100 3.98 2.47 10.82
CA ILE A 100 4.17 3.35 9.67
C ILE A 100 5.66 3.64 9.55
N ALA A 101 6.09 4.09 8.37
CA ALA A 101 7.49 4.40 8.14
C ALA A 101 7.66 5.19 6.85
N LEU A 102 8.61 6.11 6.85
CA LEU A 102 8.88 6.96 5.68
C LEU A 102 10.27 6.67 5.12
N MET A 103 10.47 7.04 3.86
CA MET A 103 11.77 6.83 3.22
C MET A 103 12.11 7.99 2.30
N LYS A 104 13.31 8.52 2.44
CA LYS A 104 13.75 9.64 1.62
C LYS A 104 14.65 9.15 0.49
N LEU A 105 14.24 9.41 -0.75
CA LEU A 105 15.02 9.00 -1.91
C LEU A 105 16.16 9.99 -2.10
N LYS A 106 17.34 9.48 -2.47
CA LYS A 106 18.49 10.36 -2.69
C LYS A 106 18.20 11.42 -3.74
N LYS A 107 17.79 10.99 -4.92
CA LYS A 107 17.48 11.91 -6.00
C LYS A 107 16.01 11.79 -6.38
N PRO A 108 15.30 12.93 -6.45
CA PRO A 108 13.87 12.95 -6.80
C PRO A 108 13.60 12.37 -8.18
N VAL A 109 12.71 11.38 -8.22
CA VAL A 109 12.35 10.74 -9.48
C VAL A 109 11.52 11.67 -10.36
N ALA A 110 11.38 11.34 -11.63
CA ALA A 110 10.61 12.14 -12.56
C ALA A 110 9.28 11.43 -12.81
N PHE A 111 8.17 12.16 -12.66
CA PHE A 111 6.86 11.57 -12.88
C PHE A 111 6.65 11.22 -14.35
N SER A 112 5.55 10.54 -14.65
CA SER A 112 5.24 10.14 -16.01
C SER A 112 3.80 9.66 -16.09
N ASP A 113 3.46 8.92 -17.14
CA ASP A 113 2.10 8.41 -17.29
C ASP A 113 1.91 7.19 -16.40
N TYR A 114 3.02 6.61 -15.95
CA TYR A 114 2.95 5.43 -15.09
C TYR A 114 3.51 5.70 -13.71
N ILE A 115 3.94 6.93 -13.47
CA ILE A 115 4.50 7.29 -12.18
C ILE A 115 3.95 8.61 -11.67
N HIS A 116 3.01 8.54 -10.73
CA HIS A 116 2.42 9.75 -10.17
C HIS A 116 2.14 9.58 -8.67
N PRO A 117 2.42 10.62 -7.88
CA PRO A 117 2.22 10.59 -6.43
C PRO A 117 0.75 10.49 -6.00
N VAL A 118 0.55 10.05 -4.76
CA VAL A 118 -0.78 9.91 -4.20
C VAL A 118 -0.97 10.94 -3.09
N CYS A 119 -2.21 11.42 -2.94
CA CYS A 119 -2.50 12.40 -1.91
C CYS A 119 -2.65 11.73 -0.55
N LEU A 120 -2.29 12.45 0.50
CA LEU A 120 -2.46 11.95 1.86
C LEU A 120 -3.72 12.66 2.32
N PRO A 121 -4.57 11.99 3.09
CA PRO A 121 -5.79 12.63 3.55
C PRO A 121 -5.56 13.78 4.53
N ASP A 122 -6.65 14.48 4.83
CA ASP A 122 -6.64 15.60 5.77
C ASP A 122 -7.67 15.22 6.82
N ARG A 123 -8.04 16.15 7.69
CA ARG A 123 -9.03 15.84 8.71
C ARG A 123 -10.41 15.63 8.10
N GLU A 124 -10.71 16.40 7.07
CA GLU A 124 -12.01 16.34 6.41
C GLU A 124 -12.25 15.10 5.56
N THR A 125 -11.48 14.96 4.48
CA THR A 125 -11.64 13.83 3.57
C THR A 125 -11.79 12.54 4.36
N ALA A 126 -10.85 12.31 5.28
CA ALA A 126 -10.85 11.11 6.11
C ALA A 126 -12.08 11.07 7.02
N ALA A 127 -12.59 12.24 7.38
CA ALA A 127 -13.76 12.33 8.26
C ALA A 127 -15.05 11.88 7.60
N SER A 128 -15.04 11.78 6.27
CA SER A 128 -16.25 11.36 5.56
C SER A 128 -16.07 10.07 4.78
N LEU A 129 -14.90 9.86 4.20
CA LEU A 129 -14.66 8.65 3.42
C LEU A 129 -14.38 7.43 4.27
N LEU A 130 -13.96 7.63 5.51
CA LEU A 130 -13.67 6.50 6.40
C LEU A 130 -14.91 6.04 7.17
N GLN A 131 -15.77 5.27 6.50
CA GLN A 131 -16.98 4.76 7.10
C GLN A 131 -17.26 3.33 6.65
N ALA A 132 -17.70 2.50 7.59
CA ALA A 132 -18.02 1.11 7.30
C ALA A 132 -18.97 1.03 6.12
N GLY A 133 -18.68 0.12 5.19
CA GLY A 133 -19.52 -0.04 4.03
C GLY A 133 -18.82 0.46 2.78
N TYR A 134 -18.16 1.61 2.91
CA TYR A 134 -17.44 2.19 1.78
C TYR A 134 -16.32 1.25 1.36
N LYS A 135 -15.94 1.30 0.09
CA LYS A 135 -14.88 0.42 -0.38
C LYS A 135 -13.57 1.11 -0.70
N GLY A 136 -12.47 0.42 -0.38
CA GLY A 136 -11.15 0.96 -0.66
C GLY A 136 -10.50 0.04 -1.68
N ARG A 137 -9.36 0.45 -2.23
CA ARG A 137 -8.70 -0.38 -3.23
C ARG A 137 -7.26 -0.74 -2.87
N VAL A 138 -7.01 -2.02 -2.67
CA VAL A 138 -5.69 -2.54 -2.34
C VAL A 138 -5.02 -3.05 -3.61
N THR A 139 -3.71 -2.89 -3.69
CA THR A 139 -2.95 -3.32 -4.85
C THR A 139 -1.61 -3.92 -4.44
N GLY A 140 -1.26 -5.06 -5.04
CA GLY A 140 0.00 -5.68 -4.70
C GLY A 140 0.42 -6.84 -5.58
N TRP A 141 1.66 -7.30 -5.38
CA TRP A 141 2.23 -8.41 -6.12
C TRP A 141 2.30 -9.65 -5.23
N GLY A 142 1.88 -9.51 -3.98
CA GLY A 142 1.92 -10.61 -3.04
C GLY A 142 1.28 -11.89 -3.56
N ASN A 143 1.37 -12.94 -2.75
CA ASN A 143 0.80 -14.24 -3.11
C ASN A 143 -0.64 -14.15 -3.60
N LEU A 144 -1.10 -15.23 -4.24
CA LEU A 144 -2.45 -15.30 -4.76
C LEU A 144 -3.31 -16.21 -3.89
N LYS A 145 -2.72 -16.69 -2.80
CA LYS A 145 -3.43 -17.57 -1.87
C LYS A 145 -2.55 -17.83 -0.64
N GLU A 146 -3.17 -18.06 0.51
CA GLU A 146 -2.42 -18.29 1.74
C GLU A 146 -1.33 -19.36 1.61
N THR A 147 -1.68 -20.49 1.02
CA THR A 147 -0.73 -21.58 0.85
C THR A 147 0.22 -21.28 -0.31
N TRP A 148 0.59 -22.21 -1.05
N LYS A 154 -1.83 -21.57 -9.48
CA LYS A 154 -0.69 -20.61 -9.34
C LYS A 154 -0.38 -20.31 -7.87
N GLY A 155 0.47 -19.31 -7.66
CA GLY A 155 0.85 -18.90 -6.31
C GLY A 155 0.97 -17.40 -6.26
N GLN A 156 1.74 -16.85 -7.20
CA GLN A 156 1.94 -15.41 -7.28
C GLN A 156 1.45 -14.92 -8.63
N PRO A 157 0.98 -13.66 -8.71
CA PRO A 157 0.51 -13.11 -9.98
C PRO A 157 1.68 -12.80 -10.89
N SER A 158 1.39 -12.43 -12.13
CA SER A 158 2.43 -12.10 -13.07
C SER A 158 2.54 -10.59 -13.18
N VAL A 159 1.44 -9.90 -12.88
CA VAL A 159 1.41 -8.45 -12.91
C VAL A 159 0.56 -7.90 -11.76
N LEU A 160 1.01 -6.80 -11.18
CA LEU A 160 0.32 -6.15 -10.06
C LEU A 160 -1.16 -6.47 -9.99
N GLN A 161 -1.58 -7.08 -8.88
CA GLN A 161 -2.99 -7.42 -8.69
C GLN A 161 -3.71 -6.26 -8.03
N VAL A 162 -5.03 -6.26 -8.14
CA VAL A 162 -5.85 -5.20 -7.57
C VAL A 162 -7.23 -5.69 -7.17
N VAL A 163 -7.62 -5.40 -5.94
CA VAL A 163 -8.92 -5.80 -5.43
C VAL A 163 -9.51 -4.69 -4.59
N ASN A 164 -10.77 -4.36 -4.86
CA ASN A 164 -11.46 -3.33 -4.10
C ASN A 164 -12.08 -4.05 -2.91
N LEU A 165 -12.05 -3.42 -1.75
CA LEU A 165 -12.61 -4.04 -0.54
C LEU A 165 -13.44 -3.08 0.27
N PRO A 166 -14.39 -3.61 1.05
CA PRO A 166 -15.27 -2.81 1.90
C PRO A 166 -14.74 -2.66 3.33
N ILE A 167 -14.79 -1.43 3.84
CA ILE A 167 -14.33 -1.15 5.20
C ILE A 167 -15.31 -1.77 6.18
N VAL A 168 -14.77 -2.46 7.18
CA VAL A 168 -15.60 -3.10 8.18
C VAL A 168 -15.66 -2.31 9.48
N GLU A 169 -16.79 -2.41 10.18
CA GLU A 169 -17.00 -1.71 11.44
C GLU A 169 -15.87 -2.01 12.42
N ARG A 170 -15.74 -1.16 13.43
CA ARG A 170 -14.72 -1.32 14.45
C ARG A 170 -14.96 -2.60 15.25
N PRO A 171 -16.20 -2.79 15.76
CA PRO A 171 -16.57 -3.97 16.54
C PRO A 171 -16.28 -5.29 15.86
N VAL A 172 -16.61 -5.38 14.57
CA VAL A 172 -16.39 -6.60 13.81
C VAL A 172 -14.92 -6.99 13.78
N CYS A 173 -14.04 -5.99 13.71
CA CYS A 173 -12.60 -6.23 13.68
C CYS A 173 -12.16 -6.93 14.95
N LYS A 174 -12.30 -6.24 16.07
CA LYS A 174 -11.93 -6.77 17.37
C LYS A 174 -12.41 -8.20 17.60
N ASP A 175 -13.73 -8.40 17.54
CA ASP A 175 -14.33 -9.70 17.74
C ASP A 175 -13.75 -10.79 16.82
N SER A 176 -13.06 -10.38 15.77
CA SER A 176 -12.48 -11.34 14.84
C SER A 176 -10.99 -11.54 15.08
N THR A 177 -10.60 -11.58 16.34
CA THR A 177 -9.20 -11.78 16.68
C THR A 177 -8.96 -11.80 18.19
N ARG A 178 -7.70 -12.00 18.57
CA ARG A 178 -7.31 -12.06 19.97
C ARG A 178 -6.35 -10.90 20.29
N ILE A 179 -5.93 -10.19 19.26
CA ILE A 179 -5.02 -9.06 19.43
C ILE A 179 -5.76 -7.82 19.88
N ARG A 180 -5.09 -6.95 20.63
CA ARG A 180 -5.68 -5.72 21.09
C ARG A 180 -5.61 -4.71 19.93
N ILE A 181 -6.77 -4.31 19.42
CA ILE A 181 -6.82 -3.36 18.31
C ILE A 181 -6.80 -1.90 18.77
N THR A 182 -5.73 -1.20 18.39
CA THR A 182 -5.58 0.21 18.74
C THR A 182 -6.47 1.04 17.83
N ASP A 183 -6.12 2.31 17.66
CA ASP A 183 -6.91 3.17 16.81
C ASP A 183 -6.20 3.46 15.51
N ASN A 184 -4.87 3.32 15.53
CA ASN A 184 -4.05 3.56 14.35
C ASN A 184 -4.24 2.44 13.35
N MET A 185 -5.38 1.76 13.44
CA MET A 185 -5.68 0.67 12.53
C MET A 185 -7.16 0.40 12.40
N PHE A 186 -7.58 0.06 11.18
CA PHE A 186 -8.95 -0.28 10.89
C PHE A 186 -8.87 -1.53 10.04
N CYS A 187 -9.91 -2.35 10.03
CA CYS A 187 -9.88 -3.56 9.23
C CYS A 187 -10.90 -3.54 8.12
N ALA A 188 -10.49 -3.99 6.94
CA ALA A 188 -11.37 -4.03 5.79
C ALA A 188 -11.52 -5.48 5.31
N GLY A 189 -12.64 -5.76 4.65
CA GLY A 189 -12.87 -7.11 4.17
C GLY A 189 -14.33 -7.48 4.03
N TYR A 190 -14.57 -8.66 3.49
CA TYR A 190 -15.92 -9.15 3.28
C TYR A 190 -16.36 -10.12 4.35
N LYS A 191 -17.62 -10.01 4.75
CA LYS A 191 -18.19 -10.87 5.77
C LYS A 191 -18.49 -12.24 5.15
N PRO A 192 -18.29 -13.31 5.92
CA PRO A 192 -18.53 -14.69 5.48
C PRO A 192 -19.79 -14.93 4.65
N ASP A 193 -20.76 -14.03 4.76
CA ASP A 193 -22.00 -14.19 4.00
C ASP A 193 -22.12 -13.24 2.82
N GLU A 194 -21.38 -12.14 2.86
CA GLU A 194 -21.45 -11.15 1.78
C GLU A 194 -21.31 -11.75 0.37
N GLY A 195 -21.00 -13.04 0.30
CA GLY A 195 -20.89 -13.71 -0.98
C GLY A 195 -19.66 -13.41 -1.82
N LYS A 196 -19.14 -12.20 -1.71
CA LYS A 196 -17.95 -11.82 -2.47
C LYS A 196 -16.73 -11.96 -1.57
N ARG A 197 -15.59 -12.29 -2.17
CA ARG A 197 -14.36 -12.48 -1.41
C ARG A 197 -13.27 -11.47 -1.76
N GLY A 198 -12.05 -11.79 -1.37
CA GLY A 198 -10.92 -10.92 -1.63
C GLY A 198 -10.14 -10.72 -0.35
N ASP A 199 -8.92 -10.20 -0.45
CA ASP A 199 -8.09 -9.97 0.72
C ASP A 199 -6.66 -9.65 0.30
N ALA A 200 -5.89 -9.10 1.24
CA ALA A 200 -4.49 -8.78 0.98
C ALA A 200 -3.82 -10.13 1.19
N CYS A 201 -2.52 -10.15 1.45
CA CYS A 201 -1.84 -11.42 1.66
C CYS A 201 -0.34 -11.26 1.75
N GLU A 202 0.35 -12.33 2.15
CA GLU A 202 1.81 -12.28 2.28
C GLU A 202 2.37 -11.73 0.98
N GLY A 203 3.01 -10.57 1.05
CA GLY A 203 3.58 -9.96 -0.13
C GLY A 203 2.92 -8.63 -0.49
N ASP A 204 2.05 -8.16 0.40
CA ASP A 204 1.36 -6.89 0.16
C ASP A 204 1.69 -5.85 1.23
N SER A 205 2.55 -6.22 2.18
CA SER A 205 2.94 -5.31 3.25
C SER A 205 3.31 -3.93 2.69
N GLY A 206 2.91 -2.88 3.40
CA GLY A 206 3.21 -1.54 2.95
C GLY A 206 2.34 -1.13 1.78
N GLY A 207 1.68 -2.11 1.18
CA GLY A 207 0.82 -1.81 0.05
C GLY A 207 -0.10 -0.64 0.36
N PRO A 208 -0.30 0.26 -0.62
CA PRO A 208 -1.16 1.43 -0.43
C PRO A 208 -2.65 1.11 -0.53
N PHE A 209 -3.41 1.51 0.48
CA PHE A 209 -4.86 1.31 0.50
C PHE A 209 -5.45 2.68 0.25
N VAL A 210 -6.04 2.86 -0.92
CA VAL A 210 -6.61 4.13 -1.30
C VAL A 210 -8.12 4.12 -1.52
N MET A 211 -8.67 5.32 -1.72
CA MET A 211 -10.08 5.52 -1.96
C MET A 211 -10.20 6.76 -2.83
N LYS A 212 -10.96 6.69 -3.92
CA LYS A 212 -11.12 7.86 -4.78
C LYS A 212 -12.16 8.78 -4.17
N SER A 213 -11.78 10.03 -3.96
CA SER A 213 -12.69 11.00 -3.38
C SER A 213 -13.80 11.43 -4.34
N PRO A 214 -15.06 11.22 -3.94
CA PRO A 214 -16.20 11.59 -4.78
C PRO A 214 -16.45 13.10 -4.71
N PHE A 215 -15.48 13.82 -4.14
CA PHE A 215 -15.59 15.27 -4.00
C PHE A 215 -14.66 16.02 -4.95
N ASN A 216 -13.56 15.37 -5.34
CA ASN A 216 -12.61 15.99 -6.25
C ASN A 216 -11.86 15.01 -7.15
N ASN A 217 -12.46 13.84 -7.38
CA ASN A 217 -11.86 12.82 -8.24
C ASN A 217 -10.39 12.52 -7.95
N ARG A 218 -9.91 12.96 -6.78
CA ARG A 218 -8.53 12.71 -6.37
C ARG A 218 -8.44 11.45 -5.52
N TRP A 219 -7.42 10.63 -5.76
CA TRP A 219 -7.24 9.41 -4.98
C TRP A 219 -6.52 9.68 -3.67
N TYR A 220 -7.10 9.20 -2.58
CA TYR A 220 -6.54 9.38 -1.25
C TYR A 220 -6.17 8.06 -0.59
N GLN A 221 -5.00 8.01 0.03
CA GLN A 221 -4.56 6.80 0.72
C GLN A 221 -5.01 6.90 2.17
N MET A 222 -5.77 5.93 2.63
CA MET A 222 -6.25 5.96 4.00
C MET A 222 -5.46 5.03 4.92
N GLY A 223 -5.18 3.83 4.45
CA GLY A 223 -4.44 2.90 5.27
C GLY A 223 -3.19 2.36 4.61
N ILE A 224 -2.46 1.52 5.34
CA ILE A 224 -1.25 0.90 4.83
C ILE A 224 -1.26 -0.57 5.22
N VAL A 225 -1.29 -1.44 4.22
CA VAL A 225 -1.30 -2.88 4.46
C VAL A 225 -0.33 -3.20 5.58
N SER A 226 -0.85 -3.73 6.68
CA SER A 226 0.01 -4.05 7.82
C SER A 226 0.10 -5.53 8.11
N TRP A 227 -0.85 -6.02 8.91
CA TRP A 227 -0.83 -7.43 9.28
C TRP A 227 -2.17 -8.13 9.05
N GLY A 228 -2.11 -9.45 8.94
CA GLY A 228 -3.31 -10.22 8.72
C GLY A 228 -3.24 -11.57 9.41
N GLU A 229 -4.38 -12.28 9.41
CA GLU A 229 -4.45 -13.59 10.03
C GLU A 229 -5.03 -14.58 9.02
N GLY A 230 -4.19 -14.97 8.06
CA GLY A 230 -4.63 -15.88 7.02
C GLY A 230 -5.19 -15.09 5.86
N CYS A 231 -4.77 -15.45 4.65
CA CYS A 231 -5.24 -14.76 3.46
C CYS A 231 -6.64 -15.21 3.04
N ASP A 232 -7.56 -14.26 2.99
CA ASP A 232 -8.95 -14.52 2.62
C ASP A 232 -9.62 -15.63 3.43
N ARG A 233 -9.37 -15.62 4.73
CA ARG A 233 -9.98 -16.61 5.62
C ARG A 233 -11.31 -16.05 6.12
N ASP A 234 -12.36 -16.84 6.03
CA ASP A 234 -13.68 -16.39 6.49
C ASP A 234 -13.68 -16.01 7.96
N GLY A 235 -14.44 -14.98 8.31
CA GLY A 235 -14.50 -14.56 9.70
C GLY A 235 -13.31 -13.71 10.11
N LYS A 236 -12.35 -13.52 9.22
CA LYS A 236 -11.17 -12.71 9.52
C LYS A 236 -10.99 -11.59 8.50
N TYR A 237 -10.28 -10.54 8.89
CA TYR A 237 -10.07 -9.40 8.00
C TYR A 237 -8.63 -8.89 8.07
N GLY A 238 -8.25 -8.09 7.07
CA GLY A 238 -6.92 -7.53 7.05
C GLY A 238 -6.89 -6.23 7.82
N PHE A 239 -5.72 -5.86 8.35
CA PHE A 239 -5.59 -4.63 9.13
C PHE A 239 -4.60 -3.66 8.49
N TYR A 240 -5.00 -2.41 8.41
CA TYR A 240 -4.14 -1.39 7.80
C TYR A 240 -3.85 -0.27 8.80
N THR A 241 -2.76 0.46 8.56
CA THR A 241 -2.39 1.58 9.43
C THR A 241 -3.30 2.75 9.11
N HIS A 242 -3.97 3.30 10.12
CA HIS A 242 -4.87 4.43 9.93
C HIS A 242 -4.07 5.70 9.64
N VAL A 243 -3.48 5.76 8.45
CA VAL A 243 -2.64 6.88 8.02
C VAL A 243 -2.95 8.25 8.63
N PHE A 244 -4.14 8.77 8.36
CA PHE A 244 -4.52 10.08 8.86
C PHE A 244 -4.04 10.39 10.27
N ARG A 245 -4.27 9.47 11.22
CA ARG A 245 -3.84 9.72 12.58
C ARG A 245 -2.37 10.09 12.62
N LEU A 246 -1.53 9.21 12.09
CA LEU A 246 -0.09 9.45 12.07
C LEU A 246 0.32 10.61 11.14
N LYS A 247 -0.64 11.44 10.78
CA LYS A 247 -0.37 12.59 9.92
C LYS A 247 0.66 13.48 10.61
N LYS A 248 0.40 13.80 11.87
CA LYS A 248 1.28 14.65 12.68
C LYS A 248 2.74 14.23 12.64
N TRP A 249 2.99 12.92 12.59
CA TRP A 249 4.36 12.41 12.55
C TRP A 249 4.93 12.57 11.15
N ILE A 250 4.08 12.40 10.16
CA ILE A 250 4.51 12.51 8.77
C ILE A 250 4.98 13.92 8.45
N GLN A 251 4.04 14.85 8.38
CA GLN A 251 4.33 16.24 8.07
C GLN A 251 5.53 16.75 8.88
N LYS A 252 5.67 16.25 10.10
CA LYS A 252 6.78 16.64 10.95
C LYS A 252 8.10 16.12 10.40
N VAL A 253 8.17 14.82 10.16
CA VAL A 253 9.38 14.20 9.61
C VAL A 253 9.79 14.86 8.30
N ILE A 254 8.82 15.35 7.56
CA ILE A 254 9.07 15.98 6.28
C ILE A 254 9.36 17.47 6.41
N ASP A 255 8.55 18.19 7.18
CA ASP A 255 8.76 19.63 7.36
C ASP A 255 9.93 19.86 8.32
N GLN A 256 10.92 18.97 8.26
CA GLN A 256 12.11 19.04 9.10
C GLN A 256 13.33 18.68 8.27
N PHE A 257 13.55 17.38 8.10
CA PHE A 257 14.68 16.87 7.33
C PHE A 257 14.40 17.04 5.83
N GLY A 258 14.07 18.17 5.41
N GLY B 1 16.12 -14.59 -7.34
CA GLY B 1 16.81 -15.50 -8.31
C GLY B 1 15.91 -15.96 -9.44
N ASP B 2 14.65 -15.54 -9.40
CA ASP B 2 13.68 -15.90 -10.43
C ASP B 2 13.23 -14.63 -11.14
N PHE B 3 13.47 -13.50 -10.50
CA PHE B 3 13.10 -12.20 -11.07
C PHE B 3 14.00 -11.93 -12.26
N GLU B 4 14.18 -10.66 -12.60
CA GLU B 4 15.02 -10.28 -13.72
C GLU B 4 16.27 -9.58 -13.21
N GLU B 5 17.31 -9.58 -14.01
CA GLU B 5 18.56 -8.94 -13.63
C GLU B 5 18.51 -7.43 -13.82
N ILE B 6 18.76 -6.71 -12.74
CA ILE B 6 18.76 -5.25 -12.77
C ILE B 6 20.18 -4.75 -13.03
N PRO B 7 20.32 -3.67 -13.82
CA PRO B 7 21.65 -3.15 -14.11
C PRO B 7 22.45 -2.81 -12.85
N GLU B 8 23.71 -3.26 -12.84
CA GLU B 8 24.59 -3.03 -11.71
C GLU B 8 24.51 -1.59 -11.23
N GLU B 9 24.53 -0.67 -12.19
CA GLU B 9 24.48 0.76 -11.91
C GLU B 9 23.61 1.11 -10.71
N LEU B 11 22.63 -1.22 -8.16
CA LEU B 11 23.12 -1.91 -6.98
C LEU B 11 24.11 -1.05 -6.19
N ALA C 7 0.04 18.84 -4.77
CA ALA C 7 -0.78 19.88 -5.46
C ALA C 7 -1.45 19.28 -6.68
N ASP C 8 -0.87 18.21 -7.21
CA ASP C 8 -1.42 17.54 -8.38
C ASP C 8 -1.52 16.03 -8.12
N CYS C 9 -1.39 15.65 -6.86
CA CYS C 9 -1.47 14.25 -6.45
C CYS C 9 -2.84 13.66 -6.77
N GLY C 10 -2.99 12.37 -6.46
CA GLY C 10 -4.26 11.69 -6.70
C GLY C 10 -4.62 11.49 -8.16
N LEU C 11 -4.75 12.58 -8.90
CA LEU C 11 -5.10 12.52 -10.32
C LEU C 11 -4.16 11.60 -11.07
N ARG C 12 -4.72 10.71 -11.89
CA ARG C 12 -3.91 9.78 -12.66
C ARG C 12 -3.74 10.22 -14.12
N PRO C 13 -2.50 10.23 -14.61
CA PRO C 13 -2.16 10.62 -15.98
C PRO C 13 -3.02 9.98 -17.06
N LEU C 14 -3.15 8.66 -17.01
CA LEU C 14 -3.91 7.92 -18.00
C LEU C 14 -5.35 7.61 -17.60
N PHE C 15 -5.95 8.46 -16.79
CA PHE C 15 -7.34 8.25 -16.36
C PHE C 15 -8.06 9.54 -16.04
N GLU C 16 -7.81 10.08 -14.85
CA GLU C 16 -8.46 11.32 -14.46
C GLU C 16 -8.01 12.49 -15.33
N LYS C 17 -6.83 12.36 -15.93
CA LYS C 17 -6.31 13.41 -16.79
C LYS C 17 -6.73 13.23 -18.25
N LYS C 18 -7.47 12.17 -18.53
CA LYS C 18 -7.97 11.90 -19.87
C LYS C 18 -9.41 11.46 -19.69
N SER C 19 -9.96 11.83 -18.54
CA SER C 19 -11.33 11.49 -18.18
C SER C 19 -11.67 10.07 -18.59
N LEU C 20 -10.98 9.11 -18.01
CA LEU C 20 -11.20 7.70 -18.29
C LEU C 20 -11.34 6.95 -16.98
N GLU C 21 -12.35 6.10 -16.89
CA GLU C 21 -12.58 5.31 -15.69
C GLU C 21 -11.97 3.92 -15.85
N ASP C 22 -11.48 3.35 -14.75
CA ASP C 22 -10.88 2.03 -14.79
C ASP C 22 -11.97 0.96 -14.58
N LYS C 23 -11.76 -0.19 -15.22
CA LYS C 23 -12.70 -1.31 -15.18
C LYS C 23 -13.48 -1.53 -13.90
N THR C 24 -12.93 -1.13 -12.76
CA THR C 24 -13.61 -1.33 -11.49
C THR C 24 -13.40 -0.22 -10.46
N GLU C 25 -13.73 1.01 -10.82
CA GLU C 25 -13.58 2.13 -9.89
C GLU C 25 -14.97 2.62 -9.50
N ARG C 26 -15.93 2.45 -10.40
CA ARG C 26 -17.29 2.87 -10.14
C ARG C 26 -17.80 2.11 -8.92
N GLU C 27 -17.36 0.87 -8.77
CA GLU C 27 -17.76 0.04 -7.64
C GLU C 27 -17.52 0.83 -6.34
N LEU C 28 -16.32 1.40 -6.23
CA LEU C 28 -15.96 2.20 -5.07
C LEU C 28 -16.98 3.31 -4.89
N LEU C 29 -17.06 4.17 -5.90
CA LEU C 29 -17.98 5.31 -5.89
C LEU C 29 -19.41 4.92 -5.55
N GLU C 30 -19.87 3.81 -6.11
CA GLU C 30 -21.24 3.37 -5.87
C GLU C 30 -21.49 2.93 -4.44
N SER C 31 -20.41 2.64 -3.72
CA SER C 31 -20.55 2.19 -2.33
C SER C 31 -20.78 3.35 -1.36
N TYR C 32 -20.34 4.54 -1.75
CA TYR C 32 -20.48 5.71 -0.88
C TYR C 32 -21.92 6.19 -0.68
N ILE C 33 -22.85 5.26 -0.54
CA ILE C 33 -24.24 5.63 -0.32
C ILE C 33 -24.37 6.58 0.88
N ASP C 34 -24.05 6.17 2.02
#